data_7NZI
#
_entry.id   7NZI
#
_cell.length_a   177.480
_cell.length_b   177.480
_cell.length_c   42.440
_cell.angle_alpha   90.000
_cell.angle_beta   90.000
_cell.angle_gamma   120.000
#
_symmetry.space_group_name_H-M   'H 3'
#
loop_
_entity.id
_entity.type
_entity.pdbx_description
1 polymer 'tRNA (guanine-N(7)-)-methyltransferase'
2 non-polymer S-ADENOSYL-L-HOMOCYSTEINE
3 non-polymer GLYCEROL
4 water water
#
_entity_poly.entity_id   1
_entity_poly.type   'polypeptide(L)'
_entity_poly.pdbx_seq_one_letter_code
;MRMRHKPWADDFLAENADIAISNPADYKGKWNTVFGNDNPIHIEVGTGKGQFISGMAKQNPDINYIGIELFKSVIVTAVQ
KVKDSEAQNVKLLNIDADTLTDVFEPGEVKRVYLNFSDPWPKKRHEKRRLTYSHFLKKYEEVMGKGGSIHFKTDNRGLFE
YSLKSFSEYGLLLTYVSLDLHNSNLEGNIMTEYEEKFSALGQPIYRAEVEWRT
;
_entity_poly.pdbx_strand_id   A,B
#
loop_
_chem_comp.id
_chem_comp.type
_chem_comp.name
_chem_comp.formula
GOL non-polymer GLYCEROL 'C3 H8 O3'
SAH non-polymer S-ADENOSYL-L-HOMOCYSTEINE 'C14 H20 N6 O5 S'
#
# COMPACT_ATOMS: atom_id res chain seq x y z
N PRO A 7 -19.09 -31.51 26.07
CA PRO A 7 -18.34 -32.61 25.47
C PRO A 7 -17.10 -32.15 24.71
N TRP A 8 -16.05 -31.84 25.47
CA TRP A 8 -14.78 -31.44 24.88
C TRP A 8 -14.16 -32.61 24.11
N ALA A 9 -13.79 -32.36 22.86
CA ALA A 9 -13.29 -33.40 21.98
C ALA A 9 -11.87 -33.09 21.48
N ASP A 10 -10.89 -33.73 22.10
CA ASP A 10 -9.51 -33.73 21.62
C ASP A 10 -9.12 -35.07 21.02
N ASP A 11 -9.70 -36.18 21.52
CA ASP A 11 -9.50 -37.47 20.89
C ASP A 11 -10.07 -37.49 19.48
N PHE A 12 -10.85 -36.47 19.13
CA PHE A 12 -11.33 -36.31 17.76
C PHE A 12 -10.18 -36.02 16.80
N LEU A 13 -9.18 -35.25 17.25
CA LEU A 13 -8.09 -34.90 16.35
C LEU A 13 -7.17 -36.09 16.13
N ALA A 14 -7.07 -36.99 17.11
CA ALA A 14 -6.26 -38.19 16.95
C ALA A 14 -6.90 -39.15 15.96
N GLU A 15 -8.23 -39.25 15.98
CA GLU A 15 -8.93 -40.15 15.07
C GLU A 15 -8.84 -39.70 13.62
N ASN A 16 -8.82 -38.41 13.37
CA ASN A 16 -8.67 -37.86 12.02
C ASN A 16 -7.25 -37.39 11.76
N ALA A 17 -6.27 -38.22 12.13
CA ALA A 17 -4.87 -37.89 11.94
C ALA A 17 -4.44 -37.95 10.48
N ASP A 18 -5.35 -38.30 9.56
CA ASP A 18 -5.03 -38.26 8.14
C ASP A 18 -5.29 -36.88 7.54
N ILE A 19 -6.11 -36.07 8.19
CA ILE A 19 -6.30 -34.67 7.82
C ILE A 19 -5.46 -33.75 8.69
N ALA A 20 -5.44 -34.02 9.99
CA ALA A 20 -4.66 -33.24 10.95
C ALA A 20 -3.38 -34.01 11.24
N ILE A 21 -2.31 -33.67 10.54
CA ILE A 21 -1.02 -34.36 10.70
C ILE A 21 -0.48 -34.02 12.08
N SER A 22 -0.42 -35.02 12.97
CA SER A 22 -0.01 -34.80 14.35
C SER A 22 1.50 -34.75 14.53
N ASN A 23 2.27 -34.93 13.46
CA ASN A 23 3.74 -34.90 13.52
C ASN A 23 4.28 -34.36 12.20
N PRO A 24 4.03 -33.08 11.91
CA PRO A 24 4.37 -32.55 10.57
C PRO A 24 5.87 -32.41 10.34
N ALA A 25 6.66 -32.26 11.40
CA ALA A 25 8.10 -32.10 11.22
C ALA A 25 8.74 -33.31 10.56
N ASP A 26 8.13 -34.50 10.72
CA ASP A 26 8.66 -35.70 10.09
C ASP A 26 8.67 -35.58 8.57
N TYR A 27 7.73 -34.83 8.01
CA TYR A 27 7.53 -34.78 6.56
C TYR A 27 8.22 -33.60 5.91
N LYS A 28 9.02 -32.85 6.68
CA LYS A 28 9.82 -31.76 6.11
C LYS A 28 10.67 -32.27 4.95
N GLY A 29 10.59 -31.59 3.81
CA GLY A 29 11.25 -32.03 2.62
C GLY A 29 10.56 -33.16 1.88
N LYS A 30 9.58 -33.81 2.51
CA LYS A 30 8.94 -34.99 1.94
C LYS A 30 7.43 -34.82 1.84
N TRP A 31 6.94 -33.58 1.76
CA TRP A 31 5.50 -33.34 1.72
C TRP A 31 4.90 -33.74 0.38
N ASN A 32 5.72 -33.87 -0.67
CA ASN A 32 5.20 -34.39 -1.93
C ASN A 32 4.77 -35.84 -1.80
N THR A 33 5.40 -36.61 -0.93
CA THR A 33 4.95 -37.96 -0.64
C THR A 33 3.65 -37.96 0.14
N VAL A 34 3.41 -36.90 0.92
CA VAL A 34 2.18 -36.82 1.72
C VAL A 34 0.95 -36.65 0.83
N PHE A 35 1.10 -36.00 -0.32
CA PHE A 35 -0.02 -35.77 -1.22
C PHE A 35 -0.07 -36.75 -2.38
N GLY A 36 1.07 -37.27 -2.83
CA GLY A 36 1.10 -38.21 -3.92
C GLY A 36 1.33 -37.59 -5.28
N ASN A 37 1.71 -36.32 -5.34
CA ASN A 37 1.93 -35.62 -6.58
C ASN A 37 2.77 -34.38 -6.28
N ASP A 38 3.30 -33.77 -7.33
CA ASP A 38 4.15 -32.60 -7.18
C ASP A 38 3.46 -31.32 -7.64
N ASN A 39 2.14 -31.25 -7.46
CA ASN A 39 1.45 -29.98 -7.56
C ASN A 39 2.01 -29.00 -6.53
N PRO A 40 1.97 -27.70 -6.81
CA PRO A 40 2.52 -26.72 -5.87
C PRO A 40 1.76 -26.73 -4.56
N ILE A 41 2.50 -26.60 -3.46
CA ILE A 41 1.91 -26.56 -2.13
C ILE A 41 1.69 -25.11 -1.73
N HIS A 42 0.42 -24.75 -1.52
CA HIS A 42 0.04 -23.46 -0.98
C HIS A 42 -0.40 -23.66 0.47
N ILE A 43 0.01 -22.73 1.35
CA ILE A 43 -0.30 -22.90 2.79
C ILE A 43 -1.05 -21.67 3.31
N GLU A 44 -1.93 -21.85 4.29
CA GLU A 44 -2.60 -20.69 4.92
C GLU A 44 -2.16 -20.66 6.38
N VAL A 45 -1.59 -19.55 6.85
CA VAL A 45 -1.02 -19.55 8.23
C VAL A 45 -2.12 -19.43 9.30
N GLY A 46 -3.27 -18.84 8.99
CA GLY A 46 -4.30 -18.78 10.04
C GLY A 46 -5.62 -19.35 9.57
N THR A 47 -5.72 -20.69 9.51
CA THR A 47 -6.94 -21.34 8.97
C THR A 47 -8.00 -21.50 10.06
N GLY A 48 -8.57 -20.41 10.54
CA GLY A 48 -9.56 -20.51 11.62
C GLY A 48 -10.91 -21.01 11.14
N LYS A 49 -11.26 -22.29 11.33
CA LYS A 49 -12.57 -22.92 10.94
C LYS A 49 -12.48 -23.55 9.56
N GLY A 50 -11.43 -23.30 8.79
CA GLY A 50 -11.20 -23.99 7.50
C GLY A 50 -12.32 -23.90 6.48
N GLN A 51 -13.00 -22.76 6.35
CA GLN A 51 -14.01 -22.63 5.26
C GLN A 51 -13.25 -22.23 4.00
N PHE A 52 -12.31 -21.29 4.16
CA PHE A 52 -11.51 -20.83 3.02
C PHE A 52 -10.72 -21.96 2.38
N ILE A 53 -9.80 -22.56 3.15
CA ILE A 53 -8.92 -23.60 2.63
C ILE A 53 -9.73 -24.69 1.93
N SER A 54 -10.91 -25.04 2.47
CA SER A 54 -11.75 -26.04 1.84
C SER A 54 -12.26 -25.54 0.50
N GLY A 55 -12.71 -24.30 0.44
CA GLY A 55 -13.21 -23.74 -0.81
C GLY A 55 -12.12 -23.66 -1.87
N MET A 56 -10.93 -23.19 -1.50
CA MET A 56 -9.83 -23.11 -2.45
C MET A 56 -9.41 -24.48 -2.94
N ALA A 57 -9.55 -25.51 -2.09
CA ALA A 57 -9.23 -26.86 -2.53
C ALA A 57 -10.21 -27.33 -3.59
N LYS A 58 -11.51 -27.25 -3.29
CA LYS A 58 -12.54 -27.63 -4.25
C LYS A 58 -12.44 -26.78 -5.52
N GLN A 59 -12.12 -25.50 -5.36
CA GLN A 59 -11.97 -24.60 -6.51
C GLN A 59 -10.77 -25.00 -7.38
N ASN A 60 -9.66 -25.37 -6.75
CA ASN A 60 -8.40 -25.64 -7.44
C ASN A 60 -7.90 -27.02 -7.08
N PRO A 61 -8.36 -28.06 -7.78
CA PRO A 61 -7.92 -29.43 -7.45
C PRO A 61 -6.46 -29.69 -7.74
N ASP A 62 -5.80 -28.86 -8.54
CA ASP A 62 -4.40 -29.08 -8.92
C ASP A 62 -3.42 -28.35 -8.02
N ILE A 63 -3.84 -27.94 -6.82
CA ILE A 63 -2.96 -27.34 -5.84
C ILE A 63 -3.13 -28.07 -4.51
N ASN A 64 -2.02 -28.32 -3.82
CA ASN A 64 -2.02 -29.01 -2.53
C ASN A 64 -2.02 -27.97 -1.42
N TYR A 65 -3.06 -28.00 -0.58
CA TYR A 65 -3.26 -26.99 0.45
C TYR A 65 -2.97 -27.58 1.82
N ILE A 66 -2.18 -26.84 2.61
CA ILE A 66 -1.88 -27.19 4.00
C ILE A 66 -2.24 -25.99 4.87
N GLY A 67 -3.20 -26.17 5.77
CA GLY A 67 -3.63 -25.13 6.69
C GLY A 67 -2.96 -25.25 8.04
N ILE A 68 -2.62 -24.11 8.62
CA ILE A 68 -1.98 -24.04 9.93
C ILE A 68 -2.93 -23.32 10.89
N GLU A 69 -3.03 -23.85 12.11
CA GLU A 69 -3.85 -23.19 13.12
C GLU A 69 -3.24 -23.42 14.50
N LEU A 70 -3.23 -22.38 15.32
CA LEU A 70 -2.69 -22.44 16.67
C LEU A 70 -3.76 -22.80 17.69
N PHE A 71 -4.97 -22.29 17.52
CA PHE A 71 -6.07 -22.54 18.44
C PHE A 71 -6.69 -23.89 18.09
N LYS A 72 -6.52 -24.87 18.99
CA LYS A 72 -7.06 -26.21 18.73
C LYS A 72 -8.58 -26.23 18.81
N SER A 73 -9.17 -25.33 19.61
CA SER A 73 -10.62 -25.23 19.69
C SER A 73 -11.26 -25.00 18.32
N VAL A 74 -10.53 -24.40 17.39
CA VAL A 74 -11.10 -23.99 16.12
C VAL A 74 -10.58 -24.82 14.94
N ILE A 75 -9.40 -25.43 15.05
CA ILE A 75 -8.94 -26.33 14.00
C ILE A 75 -9.84 -27.56 13.93
N VAL A 76 -10.52 -27.90 15.04
CA VAL A 76 -11.46 -29.02 15.04
C VAL A 76 -12.56 -28.77 14.01
N THR A 77 -13.12 -27.57 14.02
CA THR A 77 -14.09 -27.19 12.99
C THR A 77 -13.49 -27.29 11.60
N ALA A 78 -12.20 -26.98 11.47
CA ALA A 78 -11.54 -27.02 10.16
C ALA A 78 -11.44 -28.44 9.64
N VAL A 79 -11.05 -29.39 10.50
CA VAL A 79 -10.98 -30.79 10.07
C VAL A 79 -12.35 -31.30 9.65
N GLN A 80 -13.42 -30.80 10.29
CA GLN A 80 -14.76 -31.24 9.93
C GLN A 80 -15.16 -30.73 8.55
N LYS A 81 -14.80 -29.49 8.23
CA LYS A 81 -15.10 -28.95 6.90
C LYS A 81 -14.32 -29.67 5.82
N VAL A 82 -13.08 -30.06 6.11
CA VAL A 82 -12.29 -30.84 5.17
C VAL A 82 -12.82 -32.27 5.09
N LYS A 83 -13.41 -32.77 6.17
CA LYS A 83 -14.02 -34.10 6.14
C LYS A 83 -15.29 -34.09 5.29
N ASP A 84 -16.08 -33.02 5.39
CA ASP A 84 -17.34 -32.92 4.67
C ASP A 84 -17.14 -32.62 3.19
N SER A 85 -16.26 -31.67 2.86
CA SER A 85 -15.94 -31.36 1.47
C SER A 85 -15.28 -32.51 0.73
N GLU A 86 -14.84 -33.56 1.42
CA GLU A 86 -14.23 -34.73 0.80
C GLU A 86 -12.97 -34.38 0.01
N ALA A 87 -12.36 -33.24 0.29
CA ALA A 87 -11.16 -32.83 -0.42
C ALA A 87 -9.99 -33.70 0.01
N GLN A 88 -9.26 -34.25 -0.97
CA GLN A 88 -8.11 -35.07 -0.66
C GLN A 88 -6.80 -34.30 -0.77
N ASN A 89 -6.84 -33.03 -1.14
CA ASN A 89 -5.65 -32.19 -1.26
C ASN A 89 -5.60 -31.15 -0.14
N VAL A 90 -5.98 -31.54 1.07
CA VAL A 90 -5.94 -30.66 2.24
C VAL A 90 -5.38 -31.42 3.42
N LYS A 91 -4.30 -30.91 4.00
CA LYS A 91 -3.83 -31.31 5.31
C LYS A 91 -3.89 -30.12 6.25
N LEU A 92 -3.95 -30.40 7.55
CA LEU A 92 -4.04 -29.35 8.54
C LEU A 92 -3.03 -29.61 9.65
N LEU A 93 -2.40 -28.54 10.13
CA LEU A 93 -1.38 -28.62 11.16
C LEU A 93 -1.79 -27.77 12.36
N ASN A 94 -1.84 -28.37 13.54
CA ASN A 94 -2.10 -27.65 14.78
C ASN A 94 -0.76 -27.27 15.40
N ILE A 95 -0.17 -26.20 14.86
CA ILE A 95 1.18 -25.76 15.22
C ILE A 95 1.23 -24.24 15.13
N ASP A 96 2.30 -23.67 15.68
CA ASP A 96 2.51 -22.23 15.66
C ASP A 96 3.33 -21.85 14.44
N ALA A 97 3.03 -20.66 13.89
CA ALA A 97 3.69 -20.18 12.68
C ALA A 97 5.20 -20.17 12.80
N ASP A 98 5.73 -20.09 14.03
CA ASP A 98 7.20 -19.99 14.21
C ASP A 98 7.85 -21.33 13.88
N THR A 99 7.04 -22.39 13.73
CA THR A 99 7.60 -23.75 13.48
C THR A 99 7.68 -24.01 11.98
N LEU A 100 7.40 -23.02 11.15
CA LEU A 100 7.36 -23.23 9.68
C LEU A 100 8.69 -23.80 9.18
N THR A 101 9.81 -23.30 9.69
CA THR A 101 11.11 -23.77 9.20
C THR A 101 11.46 -25.17 9.69
N ASP A 102 10.73 -25.71 10.66
CA ASP A 102 10.87 -27.11 11.05
C ASP A 102 9.95 -28.03 10.24
N VAL A 103 9.03 -27.48 9.45
CA VAL A 103 8.03 -28.27 8.77
C VAL A 103 8.24 -28.28 7.25
N PHE A 104 8.77 -27.20 6.67
CA PHE A 104 8.98 -27.13 5.23
C PHE A 104 10.41 -26.71 4.94
N GLU A 105 11.01 -27.36 3.94
CA GLU A 105 12.29 -26.95 3.40
C GLU A 105 12.10 -25.79 2.41
N PRO A 106 13.12 -24.96 2.23
CA PRO A 106 13.02 -23.87 1.26
C PRO A 106 12.57 -24.35 -0.11
N GLY A 107 11.61 -23.62 -0.69
CA GLY A 107 11.06 -23.95 -1.98
C GLY A 107 10.01 -25.04 -1.99
N GLU A 108 9.76 -25.69 -0.85
CA GLU A 108 8.70 -26.69 -0.81
C GLU A 108 7.32 -26.03 -0.87
N VAL A 109 7.21 -24.81 -0.35
CA VAL A 109 5.98 -24.02 -0.41
C VAL A 109 6.11 -23.03 -1.56
N LYS A 110 5.02 -22.82 -2.30
CA LYS A 110 4.99 -21.90 -3.43
C LYS A 110 4.19 -20.62 -3.17
N ARG A 111 3.23 -20.65 -2.24
CA ARG A 111 2.46 -19.47 -1.91
C ARG A 111 2.02 -19.55 -0.46
N VAL A 112 1.77 -18.38 0.13
CA VAL A 112 1.30 -18.27 1.50
C VAL A 112 0.05 -17.40 1.52
N TYR A 113 -0.99 -17.89 2.17
CA TYR A 113 -2.27 -17.19 2.27
C TYR A 113 -2.45 -16.67 3.68
N LEU A 114 -2.70 -15.37 3.81
CA LEU A 114 -2.96 -14.73 5.10
C LEU A 114 -4.33 -14.09 5.04
N ASN A 115 -5.24 -14.55 5.89
CA ASN A 115 -6.61 -14.06 5.90
C ASN A 115 -6.98 -13.59 7.29
N PHE A 116 -7.32 -12.30 7.41
CA PHE A 116 -7.92 -11.72 8.61
C PHE A 116 -7.15 -12.10 9.87
N SER A 117 -5.83 -11.99 9.79
CA SER A 117 -4.96 -12.31 10.91
C SER A 117 -5.22 -11.36 12.08
N ASP A 118 -4.80 -11.80 13.27
CA ASP A 118 -4.92 -10.96 14.46
C ASP A 118 -4.18 -9.65 14.25
N PRO A 119 -4.83 -8.51 14.49
CA PRO A 119 -4.18 -7.21 14.21
C PRO A 119 -3.17 -6.79 15.25
N TRP A 120 -3.30 -7.25 16.51
CA TRP A 120 -2.45 -6.83 17.62
C TRP A 120 -2.20 -5.34 17.61
N PRO A 121 -3.23 -4.53 17.88
CA PRO A 121 -3.12 -3.07 17.64
C PRO A 121 -2.03 -2.39 18.45
N LYS A 122 -1.76 -2.82 19.67
CA LYS A 122 -0.81 -2.11 20.51
C LYS A 122 0.61 -2.23 19.98
N LYS A 123 1.44 -1.24 20.31
CA LYS A 123 2.78 -1.16 19.74
C LYS A 123 3.65 -2.31 20.24
N ARG A 124 3.46 -2.71 21.49
CA ARG A 124 4.26 -3.78 22.09
C ARG A 124 4.02 -5.13 21.45
N HIS A 125 2.92 -5.29 20.69
CA HIS A 125 2.56 -6.56 20.09
C HIS A 125 2.76 -6.57 18.57
N GLU A 126 3.52 -5.62 18.03
CA GLU A 126 3.94 -5.71 16.63
C GLU A 126 4.61 -7.05 16.33
N LYS A 127 5.43 -7.55 17.26
CA LYS A 127 6.20 -8.75 16.99
C LYS A 127 5.32 -9.99 16.85
N ARG A 128 4.07 -9.93 17.29
CA ARG A 128 3.15 -11.05 17.18
C ARG A 128 2.34 -11.02 15.88
N ARG A 129 2.41 -9.92 15.12
CA ARG A 129 1.64 -9.81 13.89
C ARG A 129 2.23 -10.71 12.81
N LEU A 130 1.35 -11.38 12.07
CA LEU A 130 1.77 -12.33 11.05
C LEU A 130 2.40 -11.67 9.83
N THR A 131 2.35 -10.35 9.72
CA THR A 131 3.00 -9.63 8.64
C THR A 131 4.25 -8.89 9.13
N TYR A 132 4.74 -9.22 10.32
CA TYR A 132 5.95 -8.61 10.85
C TYR A 132 7.19 -9.28 10.27
N SER A 133 8.27 -8.51 10.19
CA SER A 133 9.47 -8.94 9.46
C SER A 133 9.99 -10.30 9.92
N HIS A 134 9.78 -10.65 11.20
CA HIS A 134 10.13 -11.98 11.67
C HIS A 134 9.41 -13.05 10.86
N PHE A 135 8.10 -12.91 10.70
CA PHE A 135 7.32 -13.91 9.96
C PHE A 135 7.56 -13.79 8.46
N LEU A 136 7.74 -12.56 7.97
CA LEU A 136 8.15 -12.37 6.58
C LEU A 136 9.41 -13.18 6.26
N LYS A 137 10.32 -13.27 7.22
CA LYS A 137 11.51 -14.11 7.04
C LYS A 137 11.13 -15.59 6.98
N LYS A 138 10.28 -16.03 7.90
CA LYS A 138 9.84 -17.42 7.92
C LYS A 138 9.22 -17.83 6.59
N TYR A 139 8.48 -16.92 5.95
CA TYR A 139 7.89 -17.24 4.65
C TYR A 139 8.97 -17.33 3.57
N GLU A 140 9.91 -16.38 3.57
CA GLU A 140 11.05 -16.46 2.66
C GLU A 140 11.82 -17.76 2.83
N GLU A 141 11.92 -18.25 4.07
CA GLU A 141 12.71 -19.45 4.35
C GLU A 141 12.02 -20.73 3.90
N VAL A 142 10.70 -20.74 3.75
CA VAL A 142 10.01 -21.94 3.29
C VAL A 142 9.65 -21.87 1.80
N MET A 143 9.59 -20.67 1.22
CA MET A 143 9.20 -20.50 -0.17
C MET A 143 10.38 -20.20 -1.09
N GLY A 144 11.49 -19.73 -0.54
CA GLY A 144 12.52 -19.14 -1.36
C GLY A 144 12.03 -17.78 -1.86
N LYS A 145 12.71 -17.29 -2.88
CA LYS A 145 12.33 -16.02 -3.49
C LYS A 145 11.33 -16.17 -4.63
N GLY A 146 10.92 -17.41 -4.94
CA GLY A 146 9.93 -17.63 -5.99
C GLY A 146 8.52 -17.70 -5.45
N GLY A 147 8.29 -17.11 -4.28
CA GLY A 147 7.02 -17.20 -3.60
C GLY A 147 6.30 -15.87 -3.55
N SER A 148 5.04 -15.94 -3.10
CA SER A 148 4.21 -14.75 -2.95
C SER A 148 3.32 -14.91 -1.73
N ILE A 149 2.78 -13.78 -1.27
CA ILE A 149 1.84 -13.74 -0.15
C ILE A 149 0.53 -13.12 -0.64
N HIS A 150 -0.58 -13.78 -0.31
CA HIS A 150 -1.91 -13.32 -0.67
C HIS A 150 -2.65 -12.99 0.62
N PHE A 151 -2.79 -11.70 0.91
CA PHE A 151 -3.29 -11.20 2.17
C PHE A 151 -4.64 -10.55 1.98
N LYS A 152 -5.62 -10.94 2.79
CA LYS A 152 -6.89 -10.23 2.89
C LYS A 152 -7.25 -10.02 4.35
N THR A 153 -7.77 -8.84 4.67
CA THR A 153 -8.19 -8.53 6.04
C THR A 153 -9.18 -7.38 6.01
N ASP A 154 -10.04 -7.34 7.02
CA ASP A 154 -10.95 -6.21 7.19
C ASP A 154 -10.29 -5.04 7.92
N ASN A 155 -9.19 -5.29 8.62
CA ASN A 155 -8.65 -4.35 9.60
C ASN A 155 -7.81 -3.30 8.88
N ARG A 156 -8.29 -2.05 8.90
CA ARG A 156 -7.53 -0.96 8.32
C ARG A 156 -6.17 -0.81 8.98
N GLY A 157 -6.12 -0.92 10.31
CA GLY A 157 -4.85 -0.79 11.02
C GLY A 157 -3.85 -1.83 10.58
N LEU A 158 -4.24 -3.10 10.61
CA LEU A 158 -3.31 -4.17 10.25
C LEU A 158 -2.88 -4.08 8.80
N PHE A 159 -3.82 -3.77 7.90
CA PHE A 159 -3.47 -3.63 6.48
C PHE A 159 -2.52 -2.46 6.26
N GLU A 160 -2.85 -1.29 6.81
CA GLU A 160 -1.96 -0.14 6.73
C GLU A 160 -0.56 -0.50 7.20
N TYR A 161 -0.45 -1.14 8.37
CA TYR A 161 0.85 -1.58 8.86
C TYR A 161 1.48 -2.58 7.90
N SER A 162 0.72 -3.59 7.48
CA SER A 162 1.27 -4.64 6.63
C SER A 162 1.88 -4.08 5.36
N LEU A 163 1.21 -3.09 4.74
CA LEU A 163 1.74 -2.48 3.54
C LEU A 163 3.12 -1.88 3.78
N LYS A 164 3.27 -1.10 4.84
CA LYS A 164 4.57 -0.58 5.22
C LYS A 164 5.56 -1.72 5.52
N SER A 165 5.11 -2.74 6.25
CA SER A 165 5.99 -3.85 6.59
C SER A 165 6.49 -4.58 5.36
N PHE A 166 5.61 -4.84 4.40
CA PHE A 166 6.04 -5.42 3.12
C PHE A 166 7.06 -4.52 2.44
N SER A 167 6.74 -3.23 2.30
CA SER A 167 7.64 -2.29 1.65
C SER A 167 9.01 -2.26 2.33
N GLU A 168 9.02 -2.14 3.66
CA GLU A 168 10.29 -2.10 4.40
C GLU A 168 11.10 -3.36 4.16
N TYR A 169 10.46 -4.52 4.14
CA TYR A 169 11.17 -5.77 3.89
C TYR A 169 11.70 -5.86 2.47
N GLY A 170 11.19 -5.04 1.55
CA GLY A 170 11.68 -5.00 0.20
C GLY A 170 10.86 -5.77 -0.80
N LEU A 171 9.64 -6.14 -0.45
CA LEU A 171 8.79 -6.97 -1.31
C LEU A 171 8.03 -6.11 -2.31
N LEU A 172 7.68 -6.73 -3.44
CA LEU A 172 7.01 -6.05 -4.54
C LEU A 172 5.51 -6.25 -4.45
N LEU A 173 4.77 -5.14 -4.52
CA LEU A 173 3.31 -5.15 -4.49
C LEU A 173 2.80 -5.32 -5.91
N THR A 174 2.21 -6.48 -6.20
CA THR A 174 1.68 -6.77 -7.52
C THR A 174 0.16 -6.64 -7.62
N TYR A 175 -0.54 -6.62 -6.49
CA TYR A 175 -1.99 -6.47 -6.46
C TYR A 175 -2.39 -5.82 -5.15
N VAL A 176 -3.33 -4.87 -5.23
CA VAL A 176 -3.85 -4.22 -4.04
C VAL A 176 -5.27 -3.74 -4.31
N SER A 177 -6.23 -4.20 -3.51
CA SER A 177 -7.59 -3.70 -3.51
C SER A 177 -7.91 -3.08 -2.16
N LEU A 178 -8.51 -1.89 -2.19
CA LEU A 178 -9.00 -1.24 -0.98
C LEU A 178 -10.50 -1.41 -0.82
N ASP A 179 -11.13 -2.23 -1.67
CA ASP A 179 -12.54 -2.59 -1.52
C ASP A 179 -12.73 -3.86 -2.37
N LEU A 180 -12.61 -5.02 -1.72
CA LEU A 180 -12.55 -6.27 -2.48
C LEU A 180 -13.93 -6.67 -3.02
N HIS A 181 -15.00 -6.38 -2.30
CA HIS A 181 -16.33 -6.77 -2.72
C HIS A 181 -16.97 -5.77 -3.66
N ASN A 182 -16.25 -4.69 -4.00
CA ASN A 182 -16.61 -3.82 -5.11
C ASN A 182 -15.63 -3.91 -6.26
N SER A 183 -14.45 -4.52 -6.05
CA SER A 183 -13.49 -4.80 -7.11
C SER A 183 -13.68 -6.26 -7.52
N ASN A 184 -14.21 -6.46 -8.73
CA ASN A 184 -14.57 -7.80 -9.19
C ASN A 184 -13.37 -8.72 -9.28
N LEU A 185 -13.26 -9.67 -8.35
CA LEU A 185 -12.20 -10.67 -8.36
C LEU A 185 -12.81 -12.03 -8.67
N GLU A 186 -12.39 -12.63 -9.78
CA GLU A 186 -12.99 -13.85 -10.29
C GLU A 186 -12.43 -15.05 -9.54
N GLY A 187 -13.30 -15.78 -8.83
CA GLY A 187 -12.88 -16.93 -8.07
C GLY A 187 -12.59 -16.69 -6.61
N ASN A 188 -13.14 -15.63 -6.03
CA ASN A 188 -12.80 -15.24 -4.67
C ASN A 188 -13.57 -16.14 -3.69
N ILE A 189 -12.84 -16.84 -2.83
CA ILE A 189 -13.45 -17.63 -1.77
C ILE A 189 -13.45 -16.79 -0.50
N MET A 190 -14.64 -16.53 0.02
CA MET A 190 -14.78 -15.74 1.24
C MET A 190 -14.42 -16.57 2.47
N THR A 191 -13.73 -15.93 3.42
CA THR A 191 -13.48 -16.54 4.71
C THR A 191 -14.66 -16.28 5.65
N GLU A 192 -14.70 -17.04 6.74
CA GLU A 192 -15.69 -16.81 7.79
C GLU A 192 -15.68 -15.36 8.24
N TYR A 193 -14.51 -14.85 8.63
CA TYR A 193 -14.41 -13.44 8.99
C TYR A 193 -14.79 -12.53 7.83
N GLU A 194 -14.51 -12.95 6.60
CA GLU A 194 -14.88 -12.13 5.45
C GLU A 194 -16.39 -12.01 5.31
N GLU A 195 -17.11 -13.12 5.52
CA GLU A 195 -18.56 -13.09 5.40
C GLU A 195 -19.20 -12.16 6.42
N LYS A 196 -18.69 -12.13 7.65
CA LYS A 196 -19.32 -11.34 8.69
C LYS A 196 -19.05 -9.85 8.50
N PHE A 197 -17.80 -9.47 8.26
CA PHE A 197 -17.50 -8.05 8.05
C PHE A 197 -17.99 -7.55 6.70
N SER A 198 -18.23 -8.45 5.74
CA SER A 198 -18.91 -8.06 4.50
C SER A 198 -20.37 -7.68 4.77
N ALA A 199 -21.07 -8.49 5.56
CA ALA A 199 -22.41 -8.14 6.01
C ALA A 199 -22.43 -6.77 6.68
N LEU A 200 -21.37 -6.43 7.41
CA LEU A 200 -21.31 -5.16 8.12
C LEU A 200 -21.05 -3.99 7.19
N GLY A 201 -20.89 -4.24 5.89
CA GLY A 201 -20.73 -3.17 4.92
C GLY A 201 -19.37 -2.50 4.97
N GLN A 202 -18.44 -3.04 5.75
CA GLN A 202 -17.08 -2.54 5.84
C GLN A 202 -16.25 -3.07 4.67
N PRO A 203 -15.38 -2.26 4.10
CA PRO A 203 -14.55 -2.73 2.99
C PRO A 203 -13.54 -3.76 3.45
N ILE A 204 -13.23 -4.69 2.54
CA ILE A 204 -12.25 -5.73 2.78
C ILE A 204 -11.03 -5.45 1.92
N TYR A 205 -9.87 -5.32 2.55
CA TYR A 205 -8.65 -5.00 1.85
C TYR A 205 -7.95 -6.29 1.41
N ARG A 206 -7.30 -6.23 0.25
CA ARG A 206 -6.55 -7.36 -0.26
C ARG A 206 -5.25 -6.87 -0.88
N ALA A 207 -4.18 -7.62 -0.63
CA ALA A 207 -2.89 -7.35 -1.25
C ALA A 207 -2.27 -8.65 -1.71
N GLU A 208 -1.53 -8.58 -2.81
CA GLU A 208 -0.62 -9.63 -3.22
C GLU A 208 0.78 -9.07 -3.20
N VAL A 209 1.69 -9.77 -2.53
CA VAL A 209 3.07 -9.34 -2.37
C VAL A 209 3.98 -10.51 -2.70
N GLU A 210 5.06 -10.25 -3.43
CA GLU A 210 5.98 -11.29 -3.82
C GLU A 210 7.41 -10.80 -3.72
N TRP A 211 8.33 -11.77 -3.67
CA TRP A 211 9.75 -11.49 -3.50
C TRP A 211 10.39 -11.07 -4.81
N ARG A 212 11.35 -10.16 -4.73
CA ARG A 212 12.10 -9.77 -5.91
C ARG A 212 13.20 -10.80 -6.17
N THR A 213 13.50 -10.99 -7.45
CA THR A 213 14.50 -11.99 -7.84
C THR A 213 15.40 -11.46 -8.95
N TRP B 8 -7.81 36.33 -24.99
CA TRP B 8 -6.45 36.84 -24.83
C TRP B 8 -6.39 37.89 -23.73
N ALA B 9 -5.17 38.32 -23.41
CA ALA B 9 -4.89 39.28 -22.33
C ALA B 9 -5.42 38.71 -21.01
N ASP B 10 -5.83 39.61 -20.11
CA ASP B 10 -6.52 39.28 -18.85
C ASP B 10 -5.62 38.55 -17.86
N ASP B 11 -4.30 38.75 -18.01
CA ASP B 11 -3.32 38.09 -17.12
C ASP B 11 -2.89 39.06 -16.01
N PHE B 12 -3.20 38.74 -14.75
CA PHE B 12 -2.79 39.57 -13.60
C PHE B 12 -1.37 39.12 -13.22
N LEU B 13 -0.87 38.10 -13.89
CA LEU B 13 0.45 37.52 -13.54
C LEU B 13 1.60 38.52 -13.75
N ALA B 14 1.54 39.38 -14.78
CA ALA B 14 2.69 40.27 -14.96
C ALA B 14 2.88 41.20 -13.78
N GLU B 15 1.78 41.70 -13.20
CA GLU B 15 1.91 42.60 -12.05
C GLU B 15 2.41 41.85 -10.82
N ASN B 16 2.03 40.60 -10.67
CA ASN B 16 2.46 39.76 -9.56
C ASN B 16 3.56 38.79 -9.98
N ALA B 17 4.56 39.30 -10.70
CA ALA B 17 5.67 38.48 -11.13
C ALA B 17 6.61 38.09 -10.00
N ASP B 18 6.37 38.56 -8.78
CA ASP B 18 7.15 38.14 -7.63
C ASP B 18 6.63 36.86 -6.99
N ILE B 19 5.37 36.51 -7.22
CA ILE B 19 4.81 35.24 -6.80
C ILE B 19 4.77 34.23 -7.93
N ALA B 20 4.37 34.64 -9.12
CA ALA B 20 4.29 33.76 -10.29
C ALA B 20 5.52 34.00 -11.16
N ILE B 21 6.55 33.16 -10.96
CA ILE B 21 7.79 33.29 -11.70
C ILE B 21 7.53 32.92 -13.16
N SER B 22 7.63 33.91 -14.05
CA SER B 22 7.32 33.72 -15.46
C SER B 22 8.48 33.11 -16.25
N ASN B 23 9.63 32.84 -15.61
CA ASN B 23 10.79 32.29 -16.30
C ASN B 23 11.57 31.39 -15.34
N PRO B 24 10.98 30.25 -14.95
CA PRO B 24 11.60 29.44 -13.90
C PRO B 24 12.88 28.74 -14.32
N ALA B 25 13.07 28.48 -15.62
CA ALA B 25 14.27 27.79 -16.06
C ALA B 25 15.54 28.59 -15.76
N ASP B 26 15.42 29.92 -15.69
CA ASP B 26 16.57 30.77 -15.38
C ASP B 26 17.15 30.48 -14.00
N TYR B 27 16.31 30.03 -13.06
CA TYR B 27 16.71 29.91 -11.67
C TYR B 27 17.16 28.51 -11.27
N LYS B 28 17.26 27.59 -12.22
CA LYS B 28 17.77 26.25 -11.92
C LYS B 28 19.14 26.34 -11.24
N GLY B 29 19.27 25.64 -10.12
CA GLY B 29 20.47 25.71 -9.31
C GLY B 29 20.60 26.94 -8.44
N LYS B 30 19.77 27.97 -8.65
CA LYS B 30 19.89 29.24 -7.94
C LYS B 30 18.62 29.62 -7.21
N TRP B 31 17.79 28.64 -6.84
CA TRP B 31 16.52 28.97 -6.19
C TRP B 31 16.71 29.45 -4.75
N ASN B 32 17.85 29.18 -4.13
CA ASN B 32 18.12 29.77 -2.82
C ASN B 32 18.27 31.27 -2.93
N THR B 33 18.77 31.77 -4.06
CA THR B 33 18.82 33.21 -4.28
C THR B 33 17.44 33.79 -4.51
N VAL B 34 16.51 32.99 -5.05
CA VAL B 34 15.16 33.49 -5.28
C VAL B 34 14.44 33.74 -3.96
N PHE B 35 14.75 32.95 -2.94
CA PHE B 35 14.11 33.09 -1.64
C PHE B 35 14.98 33.84 -0.63
N GLY B 36 16.29 33.75 -0.74
CA GLY B 36 17.19 34.43 0.17
C GLY B 36 17.65 33.61 1.35
N ASN B 37 17.41 32.31 1.34
CA ASN B 37 17.77 31.44 2.46
C ASN B 37 17.78 30.00 1.97
N ASP B 38 18.35 29.11 2.80
CA ASP B 38 18.49 27.71 2.47
C ASP B 38 17.50 26.84 3.24
N ASN B 39 16.32 27.36 3.51
CA ASN B 39 15.21 26.52 3.96
C ASN B 39 14.91 25.47 2.89
N PRO B 40 14.40 24.31 3.29
CA PRO B 40 14.12 23.27 2.29
C PRO B 40 13.02 23.69 1.32
N ILE B 41 13.21 23.35 0.06
CA ILE B 41 12.24 23.66 -0.98
C ILE B 41 11.31 22.47 -1.16
N HIS B 42 10.03 22.66 -0.87
CA HIS B 42 8.98 21.70 -1.16
C HIS B 42 8.15 22.20 -2.33
N ILE B 43 7.79 21.30 -3.22
CA ILE B 43 7.04 21.65 -4.43
C ILE B 43 5.76 20.82 -4.46
N GLU B 44 4.68 21.43 -4.94
CA GLU B 44 3.47 20.70 -5.26
C GLU B 44 3.29 20.64 -6.77
N VAL B 45 2.99 19.44 -7.28
CA VAL B 45 2.70 19.22 -8.68
C VAL B 45 1.18 19.17 -8.83
N GLY B 46 0.64 20.07 -9.65
CA GLY B 46 -0.80 20.15 -9.80
C GLY B 46 -1.45 20.91 -8.66
N THR B 47 -1.18 22.21 -8.61
CA THR B 47 -1.48 23.02 -7.44
C THR B 47 -2.99 23.21 -7.28
N GLY B 48 -3.69 23.52 -8.38
CA GLY B 48 -5.10 23.85 -8.30
C GLY B 48 -5.29 25.31 -7.90
N LYS B 49 -6.41 25.59 -7.24
CA LYS B 49 -6.72 26.97 -6.85
C LYS B 49 -5.83 27.50 -5.73
N GLY B 50 -4.88 26.72 -5.21
CA GLY B 50 -3.86 27.24 -4.33
C GLY B 50 -4.15 27.20 -2.84
N GLN B 51 -5.29 26.66 -2.42
CA GLN B 51 -5.60 26.61 -0.99
C GLN B 51 -4.53 25.86 -0.21
N PHE B 52 -4.11 24.70 -0.71
CA PHE B 52 -3.13 23.87 -0.01
C PHE B 52 -1.82 24.63 0.19
N ILE B 53 -1.15 24.99 -0.92
CA ILE B 53 0.16 25.64 -0.86
C ILE B 53 0.13 26.83 0.09
N SER B 54 -0.95 27.61 0.06
CA SER B 54 -1.05 28.76 0.96
C SER B 54 -1.10 28.34 2.42
N GLY B 55 -1.92 27.33 2.73
CA GLY B 55 -2.03 26.89 4.12
C GLY B 55 -0.72 26.34 4.66
N MET B 56 -0.05 25.48 3.88
CA MET B 56 1.22 24.92 4.32
C MET B 56 2.29 26.00 4.48
N ALA B 57 2.22 27.06 3.68
CA ALA B 57 3.17 28.16 3.81
C ALA B 57 2.98 28.91 5.12
N LYS B 58 1.76 29.38 5.39
CA LYS B 58 1.49 30.07 6.64
C LYS B 58 1.77 29.18 7.85
N GLN B 59 1.45 27.89 7.72
CA GLN B 59 1.72 26.95 8.82
C GLN B 59 3.21 26.79 9.06
N ASN B 60 4.00 26.73 7.99
CA ASN B 60 5.43 26.44 8.08
C ASN B 60 6.19 27.56 7.37
N PRO B 61 6.49 28.65 8.08
CA PRO B 61 7.20 29.77 7.44
C PRO B 61 8.65 29.44 7.09
N ASP B 62 9.22 28.39 7.69
CA ASP B 62 10.61 28.02 7.48
C ASP B 62 10.79 26.99 6.37
N ILE B 63 9.80 26.86 5.48
CA ILE B 63 9.90 26.00 4.32
C ILE B 63 9.51 26.83 3.10
N ASN B 64 10.26 26.67 2.00
CA ASN B 64 10.00 27.40 0.77
C ASN B 64 9.16 26.53 -0.15
N TYR B 65 7.97 27.01 -0.50
CA TYR B 65 7.01 26.25 -1.28
C TYR B 65 6.93 26.82 -2.69
N ILE B 66 7.01 25.93 -3.68
CA ILE B 66 6.83 26.31 -5.08
C ILE B 66 5.75 25.42 -5.67
N GLY B 67 4.63 26.01 -6.06
CA GLY B 67 3.54 25.27 -6.67
C GLY B 67 3.58 25.40 -8.18
N ILE B 68 3.27 24.31 -8.87
CA ILE B 68 3.23 24.27 -10.32
C ILE B 68 1.81 23.94 -10.76
N GLU B 69 1.36 24.61 -11.81
CA GLU B 69 0.04 24.40 -12.39
C GLU B 69 0.14 24.62 -13.89
N LEU B 70 -0.58 23.79 -14.65
CA LEU B 70 -0.50 23.90 -16.11
C LEU B 70 -1.54 24.86 -16.67
N PHE B 71 -2.75 24.86 -16.13
CA PHE B 71 -3.83 25.72 -16.58
C PHE B 71 -3.72 27.10 -15.96
N LYS B 72 -3.50 28.11 -16.79
CA LYS B 72 -3.37 29.48 -16.29
C LYS B 72 -4.69 30.01 -15.76
N SER B 73 -5.82 29.53 -16.29
CA SER B 73 -7.12 29.95 -15.79
C SER B 73 -7.27 29.72 -14.28
N VAL B 74 -6.56 28.74 -13.73
CA VAL B 74 -6.75 28.35 -12.34
C VAL B 74 -5.55 28.70 -11.46
N ILE B 75 -4.35 28.81 -12.03
CA ILE B 75 -3.21 29.27 -11.24
C ILE B 75 -3.39 30.72 -10.81
N VAL B 76 -4.17 31.49 -11.57
CA VAL B 76 -4.44 32.88 -11.20
C VAL B 76 -5.12 32.94 -9.83
N THR B 77 -6.12 32.10 -9.62
CA THR B 77 -6.73 32.00 -8.30
C THR B 77 -5.70 31.63 -7.24
N ALA B 78 -4.71 30.81 -7.60
CA ALA B 78 -3.70 30.41 -6.64
C ALA B 78 -2.81 31.58 -6.22
N VAL B 79 -2.37 32.40 -7.18
CA VAL B 79 -1.58 33.57 -6.83
C VAL B 79 -2.37 34.53 -5.96
N GLN B 80 -3.70 34.60 -6.16
CA GLN B 80 -4.52 35.50 -5.36
C GLN B 80 -4.60 35.03 -3.92
N LYS B 81 -4.69 33.72 -3.69
CA LYS B 81 -4.70 33.20 -2.33
C LYS B 81 -3.36 33.44 -1.66
N VAL B 82 -2.27 33.33 -2.42
CA VAL B 82 -0.95 33.66 -1.88
C VAL B 82 -0.83 35.16 -1.67
N LYS B 83 -1.55 35.95 -2.48
CA LYS B 83 -1.57 37.40 -2.27
C LYS B 83 -2.33 37.78 -1.00
N ASP B 84 -3.43 37.08 -0.72
CA ASP B 84 -4.23 37.43 0.46
C ASP B 84 -3.51 37.02 1.74
N SER B 85 -2.99 35.80 1.78
CA SER B 85 -2.06 35.45 2.84
C SER B 85 -0.80 36.30 2.67
N GLU B 86 -0.16 36.64 3.79
CA GLU B 86 1.06 37.44 3.75
C GLU B 86 2.32 36.59 3.65
N ALA B 87 2.20 35.35 3.17
CA ALA B 87 3.35 34.48 3.06
C ALA B 87 4.27 34.93 1.92
N GLN B 88 5.56 35.07 2.23
CA GLN B 88 6.60 35.43 1.27
C GLN B 88 7.39 34.23 0.79
N ASN B 89 7.07 33.03 1.26
CA ASN B 89 7.78 31.81 0.92
C ASN B 89 6.97 30.94 -0.03
N VAL B 90 6.33 31.58 -1.02
CA VAL B 90 5.55 30.88 -2.03
C VAL B 90 5.88 31.48 -3.39
N LYS B 91 6.35 30.64 -4.31
CA LYS B 91 6.41 30.98 -5.72
C LYS B 91 5.52 30.02 -6.48
N LEU B 92 5.08 30.44 -7.66
CA LEU B 92 4.18 29.63 -8.48
C LEU B 92 4.69 29.60 -9.91
N LEU B 93 4.59 28.43 -10.54
CA LEU B 93 5.06 28.21 -11.89
C LEU B 93 3.89 27.72 -12.75
N ASN B 94 3.63 28.42 -13.84
CA ASN B 94 2.63 27.99 -14.82
C ASN B 94 3.33 27.16 -15.88
N ILE B 95 3.58 25.89 -15.54
CA ILE B 95 4.38 24.99 -16.36
C ILE B 95 3.86 23.57 -16.20
N ASP B 96 4.30 22.69 -17.10
CA ASP B 96 3.95 21.28 -17.07
C ASP B 96 5.01 20.52 -16.30
N ALA B 97 4.59 19.48 -15.58
CA ALA B 97 5.50 18.71 -14.74
C ALA B 97 6.72 18.18 -15.47
N ASP B 98 6.67 18.03 -16.80
CA ASP B 98 7.82 17.55 -17.55
C ASP B 98 9.03 18.47 -17.40
N THR B 99 8.79 19.78 -17.40
CA THR B 99 9.93 20.74 -17.38
C THR B 99 10.57 20.80 -15.99
N LEU B 100 10.24 19.89 -15.09
CA LEU B 100 10.79 19.99 -13.71
C LEU B 100 12.31 19.90 -13.75
N THR B 101 12.86 19.06 -14.61
CA THR B 101 14.31 18.89 -14.68
C THR B 101 15.00 20.07 -15.36
N ASP B 102 14.24 20.96 -15.99
CA ASP B 102 14.78 22.23 -16.49
C ASP B 102 14.72 23.32 -15.43
N VAL B 103 14.07 23.06 -14.30
CA VAL B 103 13.83 24.09 -13.29
C VAL B 103 14.61 23.84 -12.01
N PHE B 104 14.89 22.59 -11.66
CA PHE B 104 15.59 22.26 -10.43
C PHE B 104 16.78 21.37 -10.72
N GLU B 105 17.89 21.65 -10.03
CA GLU B 105 19.07 20.80 -10.00
C GLU B 105 18.83 19.63 -9.05
N PRO B 106 19.48 18.49 -9.27
CA PRO B 106 19.34 17.37 -8.33
C PRO B 106 19.64 17.79 -6.90
N GLY B 107 18.76 17.38 -5.98
CA GLY B 107 18.89 17.73 -4.59
C GLY B 107 18.42 19.11 -4.21
N GLU B 108 18.03 19.95 -5.20
CA GLU B 108 17.51 21.27 -4.88
C GLU B 108 16.10 21.18 -4.27
N VAL B 109 15.33 20.17 -4.63
CA VAL B 109 14.01 19.94 -4.07
C VAL B 109 14.14 18.88 -2.98
N LYS B 110 13.40 19.07 -1.88
CA LYS B 110 13.44 18.13 -0.77
C LYS B 110 12.19 17.29 -0.62
N ARG B 111 11.05 17.79 -1.09
CA ARG B 111 9.81 17.02 -1.03
C ARG B 111 8.92 17.45 -2.18
N VAL B 112 8.03 16.55 -2.60
CA VAL B 112 7.06 16.81 -3.66
C VAL B 112 5.68 16.44 -3.14
N TYR B 113 4.72 17.34 -3.33
CA TYR B 113 3.35 17.15 -2.86
C TYR B 113 2.43 16.88 -4.04
N LEU B 114 1.69 15.78 -3.95
CA LEU B 114 0.72 15.39 -4.97
C LEU B 114 -0.64 15.28 -4.28
N ASN B 115 -1.59 16.12 -4.71
CA ASN B 115 -2.90 16.14 -4.08
C ASN B 115 -3.96 15.96 -5.15
N PHE B 116 -4.74 14.88 -5.02
CA PHE B 116 -5.94 14.65 -5.83
C PHE B 116 -5.67 14.84 -7.32
N SER B 117 -4.55 14.28 -7.76
CA SER B 117 -4.16 14.38 -9.17
C SER B 117 -5.17 13.69 -10.07
N ASP B 118 -5.14 14.06 -11.34
CA ASP B 118 -6.00 13.43 -12.34
C ASP B 118 -5.73 11.93 -12.38
N PRO B 119 -6.76 11.09 -12.28
CA PRO B 119 -6.51 9.64 -12.22
C PRO B 119 -6.21 8.99 -13.57
N TRP B 120 -6.70 9.58 -14.68
CA TRP B 120 -6.58 9.02 -16.02
C TRP B 120 -6.83 7.51 -15.99
N PRO B 121 -8.06 7.07 -15.72
CA PRO B 121 -8.27 5.64 -15.41
C PRO B 121 -7.93 4.67 -16.53
N LYS B 122 -8.20 5.01 -17.79
CA LYS B 122 -7.98 4.03 -18.84
C LYS B 122 -6.49 3.78 -19.08
N LYS B 123 -6.19 2.59 -19.62
CA LYS B 123 -4.81 2.13 -19.71
C LYS B 123 -3.97 2.97 -20.67
N ARG B 124 -4.54 3.48 -21.77
CA ARG B 124 -3.71 4.21 -22.71
C ARG B 124 -3.18 5.52 -22.13
N HIS B 125 -3.78 6.02 -21.05
CA HIS B 125 -3.37 7.27 -20.42
C HIS B 125 -2.71 7.03 -19.07
N GLU B 126 -2.28 5.81 -18.80
CA GLU B 126 -1.41 5.54 -17.65
C GLU B 126 -0.21 6.48 -17.64
N LYS B 127 0.36 6.75 -18.83
CA LYS B 127 1.57 7.54 -18.95
C LYS B 127 1.36 8.99 -18.55
N ARG B 128 0.11 9.45 -18.44
CA ARG B 128 -0.19 10.81 -18.03
C ARG B 128 -0.36 10.94 -16.52
N ARG B 129 -0.41 9.84 -15.78
CA ARG B 129 -0.60 9.89 -14.34
C ARG B 129 0.66 10.40 -13.66
N LEU B 130 0.47 11.28 -12.66
CA LEU B 130 1.60 11.90 -11.98
C LEU B 130 2.35 10.94 -11.07
N THR B 131 1.85 9.72 -10.85
CA THR B 131 2.56 8.71 -10.08
C THR B 131 3.12 7.61 -10.97
N TYR B 132 3.18 7.84 -12.28
CA TYR B 132 3.72 6.88 -13.23
C TYR B 132 5.24 6.96 -13.24
N SER B 133 5.89 5.84 -13.56
CA SER B 133 7.34 5.71 -13.40
C SER B 133 8.09 6.83 -14.11
N HIS B 134 7.54 7.37 -15.20
CA HIS B 134 8.14 8.52 -15.85
C HIS B 134 8.31 9.69 -14.88
N PHE B 135 7.25 10.04 -14.16
CA PHE B 135 7.33 11.18 -13.25
C PHE B 135 8.10 10.82 -11.98
N LEU B 136 7.98 9.57 -11.51
CA LEU B 136 8.81 9.11 -10.41
C LEU B 136 10.29 9.34 -10.69
N LYS B 137 10.70 9.15 -11.94
CA LYS B 137 12.09 9.45 -12.32
C LYS B 137 12.35 10.95 -12.28
N LYS B 138 11.43 11.74 -12.86
CA LYS B 138 11.59 13.19 -12.85
C LYS B 138 11.73 13.73 -11.43
N TYR B 139 10.99 13.15 -10.48
CA TYR B 139 11.12 13.59 -9.09
C TYR B 139 12.46 13.19 -8.50
N GLU B 140 12.89 11.95 -8.75
CA GLU B 140 14.23 11.51 -8.35
C GLU B 140 15.30 12.42 -8.93
N GLU B 141 15.10 12.90 -10.15
CA GLU B 141 16.11 13.70 -10.82
C GLU B 141 16.21 15.11 -10.27
N VAL B 142 15.17 15.61 -9.61
CA VAL B 142 15.21 16.93 -9.00
C VAL B 142 15.45 16.86 -7.49
N MET B 143 15.18 15.72 -6.85
CA MET B 143 15.32 15.59 -5.41
C MET B 143 16.55 14.80 -4.99
N GLY B 144 17.13 14.00 -5.87
CA GLY B 144 18.10 13.05 -5.39
C GLY B 144 17.43 11.92 -4.60
N LYS B 145 18.24 11.22 -3.83
CA LYS B 145 17.75 10.15 -2.97
C LYS B 145 17.33 10.64 -1.59
N GLY B 146 17.46 11.92 -1.32
CA GLY B 146 17.03 12.47 -0.04
C GLY B 146 15.64 13.06 -0.03
N GLY B 147 14.78 12.62 -0.95
CA GLY B 147 13.46 13.18 -1.11
C GLY B 147 12.36 12.21 -0.73
N SER B 148 11.14 12.75 -0.67
CA SER B 148 9.95 11.97 -0.37
C SER B 148 8.78 12.53 -1.17
N ILE B 149 7.73 11.72 -1.27
CA ILE B 149 6.48 12.10 -1.94
C ILE B 149 5.35 11.99 -0.93
N HIS B 150 4.54 13.03 -0.83
CA HIS B 150 3.39 13.04 0.06
C HIS B 150 2.13 13.14 -0.80
N PHE B 151 1.44 12.01 -0.94
CA PHE B 151 0.32 11.87 -1.86
C PHE B 151 -0.96 11.63 -1.06
N LYS B 152 -2.00 12.43 -1.35
CA LYS B 152 -3.34 12.13 -0.86
C LYS B 152 -4.32 12.30 -2.01
N THR B 153 -5.30 11.40 -2.07
CA THR B 153 -6.32 11.45 -3.11
C THR B 153 -7.55 10.68 -2.64
N ASP B 154 -8.71 11.06 -3.21
CA ASP B 154 -9.95 10.35 -2.96
C ASP B 154 -10.10 9.10 -3.83
N ASN B 155 -9.33 9.00 -4.91
CA ASN B 155 -9.59 8.01 -5.95
C ASN B 155 -9.00 6.67 -5.54
N ARG B 156 -9.87 5.69 -5.26
CA ARG B 156 -9.41 4.35 -4.94
C ARG B 156 -8.56 3.76 -6.06
N GLY B 157 -9.01 3.94 -7.30
CA GLY B 157 -8.26 3.41 -8.43
C GLY B 157 -6.85 3.97 -8.51
N LEU B 158 -6.72 5.30 -8.47
CA LEU B 158 -5.41 5.92 -8.60
C LEU B 158 -4.50 5.56 -7.43
N PHE B 159 -5.03 5.54 -6.22
CA PHE B 159 -4.23 5.17 -5.06
C PHE B 159 -3.74 3.73 -5.16
N GLU B 160 -4.67 2.80 -5.44
CA GLU B 160 -4.30 1.40 -5.66
C GLU B 160 -3.17 1.28 -6.67
N TYR B 161 -3.31 1.95 -7.82
CA TYR B 161 -2.27 1.93 -8.83
C TYR B 161 -0.97 2.53 -8.30
N SER B 162 -1.05 3.71 -7.67
CA SER B 162 0.14 4.40 -7.21
C SER B 162 0.96 3.54 -6.25
N LEU B 163 0.29 2.82 -5.34
CA LEU B 163 0.99 1.96 -4.40
C LEU B 163 1.84 0.92 -5.14
N LYS B 164 1.23 0.23 -6.12
CA LYS B 164 2.00 -0.68 -6.96
C LYS B 164 3.11 0.04 -7.70
N SER B 165 2.80 1.22 -8.25
CA SER B 165 3.80 1.98 -9.00
C SER B 165 4.99 2.35 -8.13
N PHE B 166 4.72 2.83 -6.90
CA PHE B 166 5.80 3.10 -5.96
C PHE B 166 6.61 1.84 -5.69
N SER B 167 5.92 0.74 -5.37
CA SER B 167 6.61 -0.53 -5.08
C SER B 167 7.48 -0.96 -6.25
N GLU B 168 6.93 -0.95 -7.47
CA GLU B 168 7.70 -1.34 -8.64
C GLU B 168 8.93 -0.45 -8.82
N TYR B 169 8.78 0.85 -8.62
CA TYR B 169 9.90 1.78 -8.74
C TYR B 169 10.93 1.58 -7.63
N GLY B 170 10.55 0.93 -6.54
CA GLY B 170 11.48 0.66 -5.47
C GLY B 170 11.41 1.60 -4.28
N LEU B 171 10.35 2.37 -4.14
CA LEU B 171 10.27 3.35 -3.07
C LEU B 171 9.77 2.70 -1.79
N LEU B 172 10.17 3.29 -0.66
CA LEU B 172 9.83 2.76 0.66
C LEU B 172 8.60 3.50 1.18
N LEU B 173 7.60 2.72 1.61
CA LEU B 173 6.37 3.28 2.16
C LEU B 173 6.56 3.52 3.65
N THR B 174 6.61 4.79 4.05
CA THR B 174 6.79 5.16 5.45
C THR B 174 5.49 5.59 6.13
N TYR B 175 4.46 5.91 5.36
CA TYR B 175 3.17 6.30 5.90
C TYR B 175 2.09 5.96 4.89
N VAL B 176 0.98 5.42 5.38
CA VAL B 176 -0.17 5.11 4.53
C VAL B 176 -1.43 5.17 5.38
N SER B 177 -2.37 6.02 4.98
CA SER B 177 -3.70 6.06 5.56
C SER B 177 -4.72 5.71 4.49
N LEU B 178 -5.66 4.84 4.84
CA LEU B 178 -6.79 4.52 3.99
C LEU B 178 -8.05 5.24 4.46
N ASP B 179 -7.91 6.15 5.41
CA ASP B 179 -9.00 7.02 5.85
C ASP B 179 -8.33 8.18 6.60
N LEU B 180 -8.07 9.27 5.89
CA LEU B 180 -7.26 10.35 6.46
C LEU B 180 -8.04 11.12 7.51
N HIS B 181 -9.35 11.24 7.35
CA HIS B 181 -10.16 12.01 8.28
C HIS B 181 -10.64 11.17 9.47
N ASN B 182 -10.26 9.90 9.53
CA ASN B 182 -10.38 9.11 10.75
C ASN B 182 -9.03 8.75 11.37
N SER B 183 -7.94 8.94 10.64
CA SER B 183 -6.59 8.79 11.17
C SER B 183 -6.08 10.18 11.52
N ASN B 184 -5.94 10.45 12.82
CA ASN B 184 -5.61 11.78 13.28
C ASN B 184 -4.25 12.25 12.76
N LEU B 185 -4.26 13.17 11.80
CA LEU B 185 -3.08 13.79 11.24
C LEU B 185 -3.06 15.24 11.70
N GLU B 186 -2.00 15.64 12.39
CA GLU B 186 -1.98 16.93 13.08
C GLU B 186 -1.75 18.09 12.12
N GLY B 187 -0.74 17.98 11.25
CA GLY B 187 -0.42 19.06 10.33
C GLY B 187 -1.16 19.06 9.01
N ASN B 188 -2.33 18.42 8.95
CA ASN B 188 -3.01 18.23 7.68
C ASN B 188 -3.75 19.49 7.24
N ILE B 189 -3.35 20.03 6.09
CA ILE B 189 -4.05 21.12 5.42
C ILE B 189 -4.93 20.53 4.32
N MET B 190 -6.23 20.79 4.39
CA MET B 190 -7.15 20.26 3.38
C MET B 190 -7.03 21.02 2.07
N THR B 191 -7.07 20.29 0.96
CA THR B 191 -7.15 20.90 -0.36
C THR B 191 -8.61 21.19 -0.73
N GLU B 192 -8.76 22.04 -1.76
CA GLU B 192 -10.09 22.32 -2.31
C GLU B 192 -10.82 21.04 -2.66
N TYR B 193 -10.19 20.19 -3.49
CA TYR B 193 -10.80 18.90 -3.84
C TYR B 193 -11.03 18.02 -2.62
N GLU B 194 -10.19 18.14 -1.60
CA GLU B 194 -10.38 17.33 -0.39
C GLU B 194 -11.70 17.69 0.30
N GLU B 195 -12.01 18.98 0.39
CA GLU B 195 -13.25 19.41 1.02
C GLU B 195 -14.46 18.87 0.27
N LYS B 196 -14.40 18.83 -1.06
CA LYS B 196 -15.57 18.43 -1.84
C LYS B 196 -15.81 16.93 -1.72
N PHE B 197 -14.75 16.13 -1.91
CA PHE B 197 -14.90 14.68 -1.76
C PHE B 197 -15.04 14.27 -0.30
N SER B 198 -14.71 15.14 0.64
CA SER B 198 -14.96 14.82 2.08
C SER B 198 -16.47 14.76 2.28
N ALA B 199 -17.22 15.59 1.55
CA ALA B 199 -18.69 15.51 1.60
C ALA B 199 -19.09 14.16 1.01
N LEU B 200 -20.17 13.55 1.50
CA LEU B 200 -20.58 12.17 1.08
C LEU B 200 -19.65 11.18 1.79
N GLY B 201 -18.85 11.67 2.74
CA GLY B 201 -17.99 10.79 3.56
C GLY B 201 -17.08 9.89 2.75
N GLN B 202 -16.83 10.19 1.48
CA GLN B 202 -15.88 9.33 0.78
C GLN B 202 -14.54 9.33 1.50
N PRO B 203 -13.89 8.17 1.64
CA PRO B 203 -12.58 8.14 2.31
C PRO B 203 -11.51 8.81 1.46
N ILE B 204 -10.55 9.44 2.15
CA ILE B 204 -9.41 10.07 1.50
C ILE B 204 -8.16 9.27 1.85
N TYR B 205 -7.47 8.79 0.83
CA TYR B 205 -6.28 7.97 1.01
C TYR B 205 -5.04 8.85 1.02
N ARG B 206 -4.05 8.47 1.82
CA ARG B 206 -2.79 9.19 1.89
C ARG B 206 -1.63 8.22 1.98
N ALA B 207 -0.55 8.51 1.26
CA ALA B 207 0.68 7.73 1.34
C ALA B 207 1.88 8.66 1.39
N GLU B 208 2.92 8.22 2.12
CA GLU B 208 4.25 8.81 2.04
C GLU B 208 5.25 7.77 1.56
N VAL B 209 6.03 8.14 0.55
CA VAL B 209 7.03 7.25 -0.05
C VAL B 209 8.33 8.03 -0.20
N GLU B 210 9.45 7.37 0.11
CA GLU B 210 10.77 7.99 0.04
C GLU B 210 11.76 7.00 -0.56
N TRP B 211 12.89 7.54 -1.03
CA TRP B 211 13.89 6.74 -1.73
C TRP B 211 14.74 5.95 -0.75
N ARG B 212 15.09 4.73 -1.16
CA ARG B 212 15.96 3.87 -0.38
C ARG B 212 17.43 4.21 -0.59
N THR B 213 18.22 4.06 0.47
CA THR B 213 19.66 4.33 0.43
C THR B 213 20.39 3.28 1.25
N SAH C . -8.91 -17.02 8.01
CA SAH C . -9.68 -16.95 9.28
CB SAH C . -8.97 -16.02 10.27
CG SAH C . -9.40 -16.20 11.71
SD SAH C . -8.56 -15.06 12.82
C SAH C . -11.07 -16.39 8.97
O SAH C . -12.04 -16.96 9.48
OXT SAH C . -11.11 -15.43 8.21
C5' SAH C . -6.81 -15.48 12.57
C4' SAH C . -6.49 -16.88 13.02
O4' SAH C . -5.06 -17.07 13.00
C3' SAH C . -6.96 -17.23 14.43
O3' SAH C . -7.64 -18.49 14.42
C2' SAH C . -5.66 -17.34 15.23
O2' SAH C . -5.72 -18.24 16.30
C1' SAH C . -4.69 -17.80 14.14
N9 SAH C . -3.30 -17.52 14.44
C8 SAH C . -2.81 -16.37 15.02
N7 SAH C . -1.52 -16.38 15.20
C5 SAH C . -1.12 -17.62 14.72
C6 SAH C . 0.13 -18.24 14.64
N6 SAH C . 1.26 -17.68 15.06
N1 SAH C . 0.18 -19.50 14.13
C2 SAH C . -0.96 -20.06 13.71
N3 SAH C . -2.20 -19.57 13.74
C4 SAH C . -2.21 -18.33 14.26
C1 GOL D . -4.06 -18.80 -8.72
O1 GOL D . -4.42 -17.55 -8.24
C2 GOL D . -5.23 -19.76 -8.45
O2 GOL D . -5.06 -20.98 -9.06
C3 GOL D . -5.28 -19.89 -6.90
O3 GOL D . -4.20 -20.69 -6.53
N SAH E . -4.33 19.61 -6.12
CA SAH E . -5.63 20.31 -6.24
CB SAH E . -6.25 20.07 -7.62
CG SAH E . -6.17 18.63 -8.07
SD SAH E . -6.73 18.35 -9.76
C SAH E . -6.58 19.79 -5.17
O SAH E . -6.27 18.74 -4.60
OXT SAH E . -7.59 20.46 -4.95
C5' SAH E . -5.17 18.13 -10.63
C4' SAH E . -4.57 19.45 -11.01
O4' SAH E . -3.25 19.21 -11.57
C3' SAH E . -5.35 20.20 -12.10
O3' SAH E . -5.22 21.61 -11.89
C2' SAH E . -4.60 19.78 -13.36
O2' SAH E . -4.78 20.67 -14.44
C1' SAH E . -3.17 19.79 -12.85
N9 SAH E . -2.25 18.98 -13.64
C8 SAH E . -2.52 17.79 -14.26
N7 SAH E . -1.49 17.30 -14.90
C5 SAH E . -0.49 18.22 -14.70
C6 SAH E . 0.85 18.28 -15.13
N6 SAH E . 1.42 17.34 -15.87
N1 SAH E . 1.59 19.35 -14.76
C2 SAH E . 1.01 20.29 -14.00
N3 SAH E . -0.23 20.34 -13.54
C4 SAH E . -0.94 19.27 -13.92
C1 GOL F . 19.44 20.71 7.12
O1 GOL F . 20.03 21.32 8.23
C2 GOL F . 18.07 21.42 6.90
O2 GOL F . 17.42 20.95 5.77
C3 GOL F . 17.28 21.15 8.20
O3 GOL F . 16.19 22.02 8.19
#